data_1D37
# 
_entry.id   1D37 
# 
_audit_conform.dict_name       mmcif_pdbx.dic 
_audit_conform.dict_version    5.385 
_audit_conform.dict_location   http://mmcif.pdb.org/dictionaries/ascii/mmcif_pdbx.dic 
# 
loop_
_database_2.database_id 
_database_2.database_code 
_database_2.pdbx_database_accession 
_database_2.pdbx_DOI 
PDB   1D37         pdb_00001d37 10.2210/pdb1d37/pdb 
RCSB  DDF028       ?            ?                   
WWPDB D_1000172641 ?            ?                   
# 
loop_
_pdbx_audit_revision_history.ordinal 
_pdbx_audit_revision_history.data_content_type 
_pdbx_audit_revision_history.major_revision 
_pdbx_audit_revision_history.minor_revision 
_pdbx_audit_revision_history.revision_date 
1 'Structure model' 1 0 1992-04-15 
2 'Structure model' 1 1 2008-05-22 
3 'Structure model' 1 2 2011-07-13 
4 'Structure model' 1 3 2024-02-07 
# 
_pdbx_audit_revision_details.ordinal             1 
_pdbx_audit_revision_details.revision_ordinal    1 
_pdbx_audit_revision_details.data_content_type   'Structure model' 
_pdbx_audit_revision_details.provider            repository 
_pdbx_audit_revision_details.type                'Initial release' 
_pdbx_audit_revision_details.description         ? 
_pdbx_audit_revision_details.details             ? 
# 
loop_
_pdbx_audit_revision_group.ordinal 
_pdbx_audit_revision_group.revision_ordinal 
_pdbx_audit_revision_group.data_content_type 
_pdbx_audit_revision_group.group 
1 2 'Structure model' 'Version format compliance' 
2 3 'Structure model' 'Version format compliance' 
3 4 'Structure model' 'Data collection'           
4 4 'Structure model' 'Database references'       
5 4 'Structure model' 'Derived calculations'      
# 
loop_
_pdbx_audit_revision_category.ordinal 
_pdbx_audit_revision_category.revision_ordinal 
_pdbx_audit_revision_category.data_content_type 
_pdbx_audit_revision_category.category 
1 4 'Structure model' chem_comp_atom 
2 4 'Structure model' chem_comp_bond 
3 4 'Structure model' database_2     
4 4 'Structure model' struct_site    
# 
loop_
_pdbx_audit_revision_item.ordinal 
_pdbx_audit_revision_item.revision_ordinal 
_pdbx_audit_revision_item.data_content_type 
_pdbx_audit_revision_item.item 
1 4 'Structure model' '_database_2.pdbx_DOI'                
2 4 'Structure model' '_database_2.pdbx_database_accession' 
3 4 'Structure model' '_struct_site.pdbx_auth_asym_id'      
4 4 'Structure model' '_struct_site.pdbx_auth_comp_id'      
5 4 'Structure model' '_struct_site.pdbx_auth_seq_id'       
# 
_pdbx_database_status.status_code                     REL 
_pdbx_database_status.entry_id                        1D37 
_pdbx_database_status.recvd_initial_deposition_date   1991-04-23 
_pdbx_database_status.deposit_site                    BNL 
_pdbx_database_status.process_site                    NDB 
_pdbx_database_status.SG_entry                        . 
_pdbx_database_status.pdb_format_compatible           Y 
_pdbx_database_status.status_code_mr                  ? 
_pdbx_database_status.status_code_sf                  ? 
_pdbx_database_status.status_code_cs                  ? 
_pdbx_database_status.status_code_nmr_data            ? 
_pdbx_database_status.methods_development_category    ? 
# 
loop_
_audit_author.name 
_audit_author.pdbx_ordinal 
'Gao, Y.-G.'    1 
'Wang, A.H.-J.' 2 
# 
loop_
_citation.id 
_citation.title 
_citation.journal_abbrev 
_citation.journal_volume 
_citation.page_first 
_citation.page_last 
_citation.year 
_citation.journal_id_ASTM 
_citation.country 
_citation.journal_id_ISSN 
_citation.journal_id_CSD 
_citation.book_publisher 
_citation.pdbx_database_id_PubMed 
_citation.pdbx_database_id_DOI 
primary 
;Influence of aglycone modifications on the binding of anthracycline drugs to DNA: the molecular structure of idarubicin and 4-O-demethyl-11-deoxydoxorubicin complexed to d(CGATCG).
;
'Anti-Cancer Drug Des.' 6  137  149  1991 ACDDEA UK 0266-9536 0807 ? 1872945 ? 
1       
;Facile Formation of Crosslinked Adduct between DNA and the Daunorubicin Derivative MAR70 Mediated by Formaldehyde: Molecular Structure of the MAR70-d(CGTnACG) Covalent Adduct
;
Proc.Natl.Acad.Sci.USA  88 4845 4849 1991 PNASA6 US 0027-8424 0040 ? ?       ? 
# 
loop_
_citation_author.citation_id 
_citation_author.name 
_citation_author.ordinal 
_citation_author.identifier_ORCID 
primary 'Gao, Y.G.'           1 ? 
primary 'Wang, A.H.'          2 ? 
1       'Gao, Y.-G.'          3 ? 
1       'Liaw, Y.-C.'         4 ? 
1       'Li, Y.-K.'           5 ? 
1       'Van Der Marel, G.A.' 6 ? 
1       'Van Boom, J.H.'      7 ? 
1       'Wang, A.H.-J.'       8 ? 
# 
loop_
_entity.id 
_entity.type 
_entity.src_method 
_entity.pdbx_description 
_entity.formula_weight 
_entity.pdbx_number_of_molecules 
_entity.pdbx_ec 
_entity.pdbx_mutation 
_entity.pdbx_fragment 
_entity.details 
1 polymer     syn 
;DNA (5'-D(*CP*GP*AP*TP*CP*G)-3')
;
1809.217 1  ? ? ? ? 
2 non-polymer syn 1-O-DEMETHYL-6-DEOXYDOXORUBICIN    513.493  1  ? ? ? ? 
3 water       nat water                              18.015   42 ? ? ? ? 
# 
_entity_poly.entity_id                      1 
_entity_poly.type                           polydeoxyribonucleotide 
_entity_poly.nstd_linkage                   no 
_entity_poly.nstd_monomer                   no 
_entity_poly.pdbx_seq_one_letter_code       '(DC)(DG)(DA)(DT)(DC)(DG)' 
_entity_poly.pdbx_seq_one_letter_code_can   CGATCG 
_entity_poly.pdbx_strand_id                 A 
_entity_poly.pdbx_target_identifier         ? 
# 
loop_
_pdbx_entity_nonpoly.entity_id 
_pdbx_entity_nonpoly.name 
_pdbx_entity_nonpoly.comp_id 
2 1-O-DEMETHYL-6-DEOXYDOXORUBICIN DM4 
3 water                           HOH 
# 
loop_
_entity_poly_seq.entity_id 
_entity_poly_seq.num 
_entity_poly_seq.mon_id 
_entity_poly_seq.hetero 
1 1 DC n 
1 2 DG n 
1 3 DA n 
1 4 DT n 
1 5 DC n 
1 6 DG n 
# 
loop_
_chem_comp.id 
_chem_comp.type 
_chem_comp.mon_nstd_flag 
_chem_comp.name 
_chem_comp.pdbx_synonyms 
_chem_comp.formula 
_chem_comp.formula_weight 
DA  'DNA linking' y "2'-DEOXYADENOSINE-5'-MONOPHOSPHATE" ? 'C10 H14 N5 O6 P' 331.222 
DC  'DNA linking' y "2'-DEOXYCYTIDINE-5'-MONOPHOSPHATE"  ? 'C9 H14 N3 O7 P'  307.197 
DG  'DNA linking' y "2'-DEOXYGUANOSINE-5'-MONOPHOSPHATE" ? 'C10 H14 N5 O7 P' 347.221 
DM4 non-polymer   . 1-O-DEMETHYL-6-DEOXYDOXORUBICIN      ? 'C26 H27 N O10'   513.493 
DT  'DNA linking' y "THYMIDINE-5'-MONOPHOSPHATE"         ? 'C10 H15 N2 O8 P' 322.208 
HOH non-polymer   . WATER                                ? 'H2 O'            18.015  
# 
loop_
_pdbx_poly_seq_scheme.asym_id 
_pdbx_poly_seq_scheme.entity_id 
_pdbx_poly_seq_scheme.seq_id 
_pdbx_poly_seq_scheme.mon_id 
_pdbx_poly_seq_scheme.ndb_seq_num 
_pdbx_poly_seq_scheme.pdb_seq_num 
_pdbx_poly_seq_scheme.auth_seq_num 
_pdbx_poly_seq_scheme.pdb_mon_id 
_pdbx_poly_seq_scheme.auth_mon_id 
_pdbx_poly_seq_scheme.pdb_strand_id 
_pdbx_poly_seq_scheme.pdb_ins_code 
_pdbx_poly_seq_scheme.hetero 
A 1 1 DC 1 1 1 DC C A . n 
A 1 2 DG 2 2 2 DG G A . n 
A 1 3 DA 3 3 3 DA A A . n 
A 1 4 DT 4 4 4 DT T A . n 
A 1 5 DC 5 5 5 DC C A . n 
A 1 6 DG 6 6 6 DG G A . n 
# 
loop_
_pdbx_nonpoly_scheme.asym_id 
_pdbx_nonpoly_scheme.entity_id 
_pdbx_nonpoly_scheme.mon_id 
_pdbx_nonpoly_scheme.ndb_seq_num 
_pdbx_nonpoly_scheme.pdb_seq_num 
_pdbx_nonpoly_scheme.auth_seq_num 
_pdbx_nonpoly_scheme.pdb_mon_id 
_pdbx_nonpoly_scheme.auth_mon_id 
_pdbx_nonpoly_scheme.pdb_strand_id 
_pdbx_nonpoly_scheme.pdb_ins_code 
B 2 DM4 1  7  7  DM4 DM4 A . 
C 3 HOH 1  8  8  HOH HOH A . 
C 3 HOH 2  9  9  HOH HOH A . 
C 3 HOH 3  10 10 HOH HOH A . 
C 3 HOH 4  11 11 HOH HOH A . 
C 3 HOH 5  12 12 HOH HOH A . 
C 3 HOH 6  13 13 HOH HOH A . 
C 3 HOH 7  14 14 HOH HOH A . 
C 3 HOH 8  15 15 HOH HOH A . 
C 3 HOH 9  16 16 HOH HOH A . 
C 3 HOH 10 17 17 HOH HOH A . 
C 3 HOH 11 18 18 HOH HOH A . 
C 3 HOH 12 19 19 HOH HOH A . 
C 3 HOH 13 20 20 HOH HOH A . 
C 3 HOH 14 21 21 HOH HOH A . 
C 3 HOH 15 22 22 HOH HOH A . 
C 3 HOH 16 23 23 HOH HOH A . 
C 3 HOH 17 24 24 HOH HOH A . 
C 3 HOH 18 25 25 HOH HOH A . 
C 3 HOH 19 26 26 HOH HOH A . 
C 3 HOH 20 27 27 HOH HOH A . 
C 3 HOH 21 28 28 HOH HOH A . 
C 3 HOH 22 29 29 HOH HOH A . 
C 3 HOH 23 30 30 HOH HOH A . 
C 3 HOH 24 31 31 HOH HOH A . 
C 3 HOH 25 32 32 HOH HOH A . 
C 3 HOH 26 33 33 HOH HOH A . 
C 3 HOH 27 34 34 HOH HOH A . 
C 3 HOH 28 35 35 HOH HOH A . 
C 3 HOH 29 36 36 HOH HOH A . 
C 3 HOH 30 37 37 HOH HOH A . 
C 3 HOH 31 38 38 HOH HOH A . 
C 3 HOH 32 39 39 HOH HOH A . 
C 3 HOH 33 40 40 HOH HOH A . 
C 3 HOH 34 41 41 HOH HOH A . 
C 3 HOH 35 42 42 HOH HOH A . 
C 3 HOH 36 43 43 HOH HOH A . 
C 3 HOH 37 44 44 HOH HOH A . 
C 3 HOH 38 45 45 HOH HOH A . 
C 3 HOH 39 46 46 HOH HOH A . 
C 3 HOH 40 47 47 HOH HOH A . 
C 3 HOH 41 48 48 HOH HOH A . 
C 3 HOH 42 49 49 HOH HOH A . 
# 
_software.name             NUCLSQ 
_software.classification   refinement 
_software.version          . 
_software.citation_id      ? 
_software.pdbx_ordinal     1 
# 
_cell.entry_id           1D37 
_cell.length_a           28.180 
_cell.length_b           28.180 
_cell.length_c           53.140 
_cell.angle_alpha        90.00 
_cell.angle_beta         90.00 
_cell.angle_gamma        90.00 
_cell.Z_PDB              8 
_cell.pdbx_unique_axis   ? 
# 
_symmetry.entry_id                         1D37 
_symmetry.space_group_name_H-M             'P 41 21 2' 
_symmetry.pdbx_full_space_group_name_H-M   ? 
_symmetry.cell_setting                     ? 
_symmetry.Int_Tables_number                92 
# 
_exptl.entry_id          1D37 
_exptl.method            'X-RAY DIFFRACTION' 
_exptl.crystals_number   ? 
# 
_exptl_crystal.id                    1 
_exptl_crystal.density_meas          ? 
_exptl_crystal.density_Matthews      2.92 
_exptl_crystal.density_percent_sol   57.81 
_exptl_crystal.description           ? 
# 
_exptl_crystal_grow.crystal_id      1 
_exptl_crystal_grow.method          'VAPOR DIFFUSION' 
_exptl_crystal_grow.temp            298.00 
_exptl_crystal_grow.temp_details    ? 
_exptl_crystal_grow.pH              6.00 
_exptl_crystal_grow.pdbx_details    'pH 6.00, VAPOR DIFFUSION, temperature 298.00K' 
_exptl_crystal_grow.pdbx_pH_range   ? 
# 
loop_
_exptl_crystal_grow_comp.crystal_id 
_exptl_crystal_grow_comp.id 
_exptl_crystal_grow_comp.sol_id 
_exptl_crystal_grow_comp.name 
_exptl_crystal_grow_comp.volume 
_exptl_crystal_grow_comp.conc 
_exptl_crystal_grow_comp.details 
1 1 1 WATER           ? ? ? 
1 2 1 MPD             ? ? ? 
1 3 1 BACL2           ? ? ? 
1 4 1 'NA CACODYLATE' ? ? ? 
1 5 1 SPERMINE        ? ? ? 
1 6 2 WATER           ? ? ? 
1 7 2 MPD             ? ? ? 
# 
_diffrn.id                     1 
_diffrn.ambient_temp           298.00 
_diffrn.ambient_temp_details   ? 
_diffrn.crystal_id             1 
# 
_diffrn_detector.diffrn_id              1 
_diffrn_detector.detector               DIFFRACTOMETER 
_diffrn_detector.type                   'RIGAKU AFC-5R' 
_diffrn_detector.pdbx_collection_date   ? 
_diffrn_detector.details                ? 
# 
_diffrn_radiation.diffrn_id                        1 
_diffrn_radiation.wavelength_id                    1 
_diffrn_radiation.pdbx_monochromatic_or_laue_m_l   ? 
_diffrn_radiation.monochromator                    ? 
_diffrn_radiation.pdbx_diffrn_protocol             ? 
_diffrn_radiation.pdbx_scattering_type             x-ray 
# 
_diffrn_radiation_wavelength.id           1 
_diffrn_radiation_wavelength.wavelength   1.5418 
_diffrn_radiation_wavelength.wt           1.0 
# 
_diffrn_source.diffrn_id                   1 
_diffrn_source.source                      'ROTATING ANODE' 
_diffrn_source.type                        RIGAKU 
_diffrn_source.pdbx_synchrotron_site       ? 
_diffrn_source.pdbx_synchrotron_beamline   ? 
_diffrn_source.pdbx_wavelength             1.5418 
_diffrn_source.pdbx_wavelength_list        ? 
# 
_reflns.entry_id                     1D37 
_reflns.observed_criterion_sigma_I   ? 
_reflns.observed_criterion_sigma_F   2.000 
_reflns.d_resolution_low             ? 
_reflns.d_resolution_high            1.800 
_reflns.number_obs                   1247 
_reflns.number_all                   ? 
_reflns.percent_possible_obs         ? 
_reflns.pdbx_Rmerge_I_obs            ? 
_reflns.pdbx_Rsym_value              ? 
_reflns.pdbx_netI_over_sigmaI        ? 
_reflns.B_iso_Wilson_estimate        ? 
_reflns.pdbx_redundancy              ? 
_reflns.pdbx_diffrn_id               1 
_reflns.pdbx_ordinal                 1 
# 
_refine.entry_id                                 1D37 
_refine.ls_number_reflns_obs                     1247 
_refine.ls_number_reflns_all                     ? 
_refine.pdbx_ls_sigma_I                          ? 
_refine.pdbx_ls_sigma_F                          2.000 
_refine.pdbx_data_cutoff_high_absF               ? 
_refine.pdbx_data_cutoff_low_absF                ? 
_refine.pdbx_data_cutoff_high_rms_absF           ? 
_refine.ls_d_res_low                             ? 
_refine.ls_d_res_high                            1.800 
_refine.ls_percent_reflns_obs                    ? 
_refine.ls_R_factor_obs                          0.1790000 
_refine.ls_R_factor_all                          ? 
_refine.ls_R_factor_R_work                       ? 
_refine.ls_R_factor_R_free                       ? 
_refine.ls_R_factor_R_free_error                 ? 
_refine.ls_R_factor_R_free_error_details         ? 
_refine.ls_percent_reflns_R_free                 ? 
_refine.ls_number_reflns_R_free                  ? 
_refine.ls_number_parameters                     ? 
_refine.ls_number_restraints                     ? 
_refine.occupancy_min                            ? 
_refine.occupancy_max                            ? 
_refine.B_iso_mean                               ? 
_refine.aniso_B[1][1]                            ? 
_refine.aniso_B[2][2]                            ? 
_refine.aniso_B[3][3]                            ? 
_refine.aniso_B[1][2]                            ? 
_refine.aniso_B[1][3]                            ? 
_refine.aniso_B[2][3]                            ? 
_refine.solvent_model_details                    ? 
_refine.solvent_model_param_ksol                 ? 
_refine.solvent_model_param_bsol                 ? 
_refine.pdbx_ls_cross_valid_method               ? 
_refine.details                                  ? 
_refine.pdbx_starting_model                      ? 
_refine.pdbx_method_to_determine_struct          ? 
_refine.pdbx_isotropic_thermal_model             ? 
_refine.pdbx_stereochemistry_target_values       ? 
_refine.pdbx_stereochem_target_val_spec_case     ? 
_refine.pdbx_R_Free_selection_details            ? 
_refine.pdbx_overall_ESU_R                       ? 
_refine.pdbx_overall_ESU_R_Free                  ? 
_refine.overall_SU_ML                            ? 
_refine.overall_SU_B                             ? 
_refine.pdbx_refine_id                           'X-RAY DIFFRACTION' 
_refine.pdbx_diffrn_id                           1 
_refine.pdbx_TLS_residual_ADP_flag               ? 
_refine.correlation_coeff_Fo_to_Fc               ? 
_refine.correlation_coeff_Fo_to_Fc_free          ? 
_refine.pdbx_solvent_vdw_probe_radii             ? 
_refine.pdbx_solvent_ion_probe_radii             ? 
_refine.pdbx_solvent_shrinkage_radii             ? 
_refine.pdbx_overall_phase_error                 ? 
_refine.overall_SU_R_Cruickshank_DPI             ? 
_refine.pdbx_overall_SU_R_free_Cruickshank_DPI   ? 
_refine.pdbx_overall_SU_R_Blow_DPI               ? 
_refine.pdbx_overall_SU_R_free_Blow_DPI          ? 
# 
_refine_hist.pdbx_refine_id                   'X-RAY DIFFRACTION' 
_refine_hist.cycle_id                         LAST 
_refine_hist.pdbx_number_atoms_protein        0 
_refine_hist.pdbx_number_atoms_nucleic_acid   120 
_refine_hist.pdbx_number_atoms_ligand         37 
_refine_hist.number_atoms_solvent             42 
_refine_hist.number_atoms_total               199 
_refine_hist.d_res_high                       1.800 
_refine_hist.d_res_low                        . 
# 
loop_
_refine_ls_restr.type 
_refine_ls_restr.dev_ideal 
_refine_ls_restr.dev_ideal_target 
_refine_ls_restr.weight 
_refine_ls_restr.number 
_refine_ls_restr.pdbx_refine_id 
_refine_ls_restr.pdbx_restraint_function 
n_bond_d               0.025 ? ? ? 'X-RAY DIFFRACTION' ? 
n_angle_d              0.179 ? ? ? 'X-RAY DIFFRACTION' ? 
n_planar_d             ?     ? ? ? 'X-RAY DIFFRACTION' ? 
n_hb_or_metal_coord    ?     ? ? ? 'X-RAY DIFFRACTION' ? 
n_sugar_bond_it        ?     ? ? ? 'X-RAY DIFFRACTION' ? 
n_sugar_angle_it       ?     ? ? ? 'X-RAY DIFFRACTION' ? 
n_phos_bond_it         ?     ? ? ? 'X-RAY DIFFRACTION' ? 
n_phos_angle_it        ?     ? ? ? 'X-RAY DIFFRACTION' ? 
n_bond_angle_restr     ?     ? ? ? 'X-RAY DIFFRACTION' ? 
n_dihedral_angle_restr ?     ? ? ? 'X-RAY DIFFRACTION' ? 
n_impr_tor             ?     ? ? ? 'X-RAY DIFFRACTION' ? 
n_sugar_bond_d         ?     ? ? ? 'X-RAY DIFFRACTION' ? 
n_sugar_bond_angle_d   ?     ? ? ? 'X-RAY DIFFRACTION' ? 
n_phos_bond_d          ?     ? ? ? 'X-RAY DIFFRACTION' ? 
n_phos_bond_angle_d    ?     ? ? ? 'X-RAY DIFFRACTION' ? 
n_plane_restr          ?     ? ? ? 'X-RAY DIFFRACTION' ? 
n_chiral_restr         ?     ? ? ? 'X-RAY DIFFRACTION' ? 
n_singtor_nbd          ?     ? ? ? 'X-RAY DIFFRACTION' ? 
n_multtor_nbd          ?     ? ? ? 'X-RAY DIFFRACTION' ? 
n_xhyhbond_nbd         ?     ? ? ? 'X-RAY DIFFRACTION' ? 
# 
_struct.entry_id                  1D37 
_struct.title                     
;INFLUENCE OF AGLYCONE MODIFICATIONS ON THE BINDING OF ANTHRACYCLINE DRUGS TO DNA: THE MOLECULAR STRUCTURE OF IDARUBICIN AND 4-O-DEMETHYL-11-DEOXYDOXORUBICIN COMPLEXED TO D(CGATCG)
;
_struct.pdbx_model_details        ? 
_struct.pdbx_CASP_flag            ? 
_struct.pdbx_model_type_details   ? 
# 
_struct_keywords.entry_id        1D37 
_struct_keywords.pdbx_keywords   DNA 
_struct_keywords.text            'RIGHT HANDED DNA, DOUBLE HELIX, COMPLEXED WITH DRUG, DNA' 
# 
loop_
_struct_asym.id 
_struct_asym.pdbx_blank_PDB_chainid_flag 
_struct_asym.pdbx_modified 
_struct_asym.entity_id 
_struct_asym.details 
A N N 1 ? 
B N N 2 ? 
C N N 3 ? 
# 
_struct_ref.id                         1 
_struct_ref.entity_id                  1 
_struct_ref.db_name                    PDB 
_struct_ref.db_code                    1D37 
_struct_ref.pdbx_db_accession          1D37 
_struct_ref.pdbx_db_isoform            ? 
_struct_ref.pdbx_seq_one_letter_code   ? 
_struct_ref.pdbx_align_begin           ? 
# 
_struct_ref_seq.align_id                      1 
_struct_ref_seq.ref_id                        1 
_struct_ref_seq.pdbx_PDB_id_code              1D37 
_struct_ref_seq.pdbx_strand_id                A 
_struct_ref_seq.seq_align_beg                 1 
_struct_ref_seq.pdbx_seq_align_beg_ins_code   ? 
_struct_ref_seq.seq_align_end                 6 
_struct_ref_seq.pdbx_seq_align_end_ins_code   ? 
_struct_ref_seq.pdbx_db_accession             1D37 
_struct_ref_seq.db_align_beg                  1 
_struct_ref_seq.pdbx_db_align_beg_ins_code    ? 
_struct_ref_seq.db_align_end                  6 
_struct_ref_seq.pdbx_db_align_end_ins_code    ? 
_struct_ref_seq.pdbx_auth_seq_align_beg       1 
_struct_ref_seq.pdbx_auth_seq_align_end       6 
# 
_pdbx_struct_assembly.id                   1 
_pdbx_struct_assembly.details              author_defined_assembly 
_pdbx_struct_assembly.method_details       ? 
_pdbx_struct_assembly.oligomeric_details   dimeric 
_pdbx_struct_assembly.oligomeric_count     2 
# 
_pdbx_struct_assembly_gen.assembly_id       1 
_pdbx_struct_assembly_gen.oper_expression   1,2 
_pdbx_struct_assembly_gen.asym_id_list      A,B,C 
# 
loop_
_pdbx_struct_oper_list.id 
_pdbx_struct_oper_list.type 
_pdbx_struct_oper_list.name 
_pdbx_struct_oper_list.symmetry_operation 
_pdbx_struct_oper_list.matrix[1][1] 
_pdbx_struct_oper_list.matrix[1][2] 
_pdbx_struct_oper_list.matrix[1][3] 
_pdbx_struct_oper_list.vector[1] 
_pdbx_struct_oper_list.matrix[2][1] 
_pdbx_struct_oper_list.matrix[2][2] 
_pdbx_struct_oper_list.matrix[2][3] 
_pdbx_struct_oper_list.vector[2] 
_pdbx_struct_oper_list.matrix[3][1] 
_pdbx_struct_oper_list.matrix[3][2] 
_pdbx_struct_oper_list.matrix[3][3] 
_pdbx_struct_oper_list.vector[3] 
1 'identity operation'         1_555 x,y,z            1.0000000000  0.0000000000 0.0000000000 0.0000000000 0.0000000000 1.0000000000  0.0000000000 0.0000000000  0.0000000000 0.0000000000 1.0000000000 0.0000000000  
2 'crystal symmetry operation' 8_665 -y+1,-x+1,-z+1/2 -0.7178879999 0.1298088255 0.6839491855 5.6185787823 0.1298088255 -0.9402707748 0.3147070682 -3.0963953602 0.6839491855 0.3147070682 0.6581587748 -1.7298493484 
# 
_struct_biol.id   1 
# 
loop_
_struct_conn.id 
_struct_conn.conn_type_id 
_struct_conn.pdbx_leaving_atom_flag 
_struct_conn.pdbx_PDB_id 
_struct_conn.ptnr1_label_asym_id 
_struct_conn.ptnr1_label_comp_id 
_struct_conn.ptnr1_label_seq_id 
_struct_conn.ptnr1_label_atom_id 
_struct_conn.pdbx_ptnr1_label_alt_id 
_struct_conn.pdbx_ptnr1_PDB_ins_code 
_struct_conn.pdbx_ptnr1_standard_comp_id 
_struct_conn.ptnr1_symmetry 
_struct_conn.ptnr2_label_asym_id 
_struct_conn.ptnr2_label_comp_id 
_struct_conn.ptnr2_label_seq_id 
_struct_conn.ptnr2_label_atom_id 
_struct_conn.pdbx_ptnr2_label_alt_id 
_struct_conn.pdbx_ptnr2_PDB_ins_code 
_struct_conn.ptnr1_auth_asym_id 
_struct_conn.ptnr1_auth_comp_id 
_struct_conn.ptnr1_auth_seq_id 
_struct_conn.ptnr2_auth_asym_id 
_struct_conn.ptnr2_auth_comp_id 
_struct_conn.ptnr2_auth_seq_id 
_struct_conn.ptnr2_symmetry 
_struct_conn.pdbx_ptnr3_label_atom_id 
_struct_conn.pdbx_ptnr3_label_seq_id 
_struct_conn.pdbx_ptnr3_label_comp_id 
_struct_conn.pdbx_ptnr3_label_asym_id 
_struct_conn.pdbx_ptnr3_label_alt_id 
_struct_conn.pdbx_ptnr3_PDB_ins_code 
_struct_conn.details 
_struct_conn.pdbx_dist_value 
_struct_conn.pdbx_value_order 
_struct_conn.pdbx_role 
hydrog1  hydrog ? ? A DC 1 N3 ? ? ? 1_555 A DG 6 N1 ? ? A DC 1 A DG 6 8_665 ? ? ? ? ? ? WATSON-CRICK ? ? ? 
hydrog2  hydrog ? ? A DC 1 N4 ? ? ? 1_555 A DG 6 O6 ? ? A DC 1 A DG 6 8_665 ? ? ? ? ? ? WATSON-CRICK ? ? ? 
hydrog3  hydrog ? ? A DC 1 O2 ? ? ? 1_555 A DG 6 N2 ? ? A DC 1 A DG 6 8_665 ? ? ? ? ? ? WATSON-CRICK ? ? ? 
hydrog4  hydrog ? ? A DG 2 N1 ? ? ? 1_555 A DC 5 N3 ? ? A DG 2 A DC 5 8_665 ? ? ? ? ? ? WATSON-CRICK ? ? ? 
hydrog5  hydrog ? ? A DG 2 N2 ? ? ? 1_555 A DC 5 O2 ? ? A DG 2 A DC 5 8_665 ? ? ? ? ? ? WATSON-CRICK ? ? ? 
hydrog6  hydrog ? ? A DG 2 O6 ? ? ? 1_555 A DC 5 N4 ? ? A DG 2 A DC 5 8_665 ? ? ? ? ? ? WATSON-CRICK ? ? ? 
hydrog7  hydrog ? ? A DA 3 N1 ? ? ? 1_555 A DT 4 N3 ? ? A DA 3 A DT 4 8_665 ? ? ? ? ? ? WATSON-CRICK ? ? ? 
hydrog8  hydrog ? ? A DA 3 N6 ? ? ? 1_555 A DT 4 O4 ? ? A DA 3 A DT 4 8_665 ? ? ? ? ? ? WATSON-CRICK ? ? ? 
hydrog9  hydrog ? ? A DT 4 N3 ? ? ? 1_555 A DA 3 N1 ? ? A DT 4 A DA 3 8_665 ? ? ? ? ? ? WATSON-CRICK ? ? ? 
hydrog10 hydrog ? ? A DT 4 O4 ? ? ? 1_555 A DA 3 N6 ? ? A DT 4 A DA 3 8_665 ? ? ? ? ? ? WATSON-CRICK ? ? ? 
hydrog11 hydrog ? ? A DC 5 N3 ? ? ? 1_555 A DG 2 N1 ? ? A DC 5 A DG 2 8_665 ? ? ? ? ? ? WATSON-CRICK ? ? ? 
hydrog12 hydrog ? ? A DC 5 N4 ? ? ? 1_555 A DG 2 O6 ? ? A DC 5 A DG 2 8_665 ? ? ? ? ? ? WATSON-CRICK ? ? ? 
hydrog13 hydrog ? ? A DC 5 O2 ? ? ? 1_555 A DG 2 N2 ? ? A DC 5 A DG 2 8_665 ? ? ? ? ? ? WATSON-CRICK ? ? ? 
hydrog14 hydrog ? ? A DG 6 N1 ? ? ? 1_555 A DC 1 N3 ? ? A DG 6 A DC 1 8_665 ? ? ? ? ? ? WATSON-CRICK ? ? ? 
hydrog15 hydrog ? ? A DG 6 N2 ? ? ? 1_555 A DC 1 O2 ? ? A DG 6 A DC 1 8_665 ? ? ? ? ? ? WATSON-CRICK ? ? ? 
hydrog16 hydrog ? ? A DG 6 O6 ? ? ? 1_555 A DC 1 N4 ? ? A DG 6 A DC 1 8_665 ? ? ? ? ? ? WATSON-CRICK ? ? ? 
# 
_struct_conn_type.id          hydrog 
_struct_conn_type.criteria    ? 
_struct_conn_type.reference   ? 
# 
loop_
_struct_site.id 
_struct_site.pdbx_evidence_code 
_struct_site.pdbx_auth_asym_id 
_struct_site.pdbx_auth_comp_id 
_struct_site.pdbx_auth_seq_id 
_struct_site.pdbx_auth_ins_code 
_struct_site.pdbx_num_residues 
_struct_site.details 
AC1 Software A DM4 7 ? 9 'BINDING SITE FOR RESIDUE DM4 A 7' 
1   ?        ? ?   ? ? ? ?                                  
# 
loop_
_struct_site_gen.id 
_struct_site_gen.site_id 
_struct_site_gen.pdbx_num_res 
_struct_site_gen.label_comp_id 
_struct_site_gen.label_asym_id 
_struct_site_gen.label_seq_id 
_struct_site_gen.pdbx_auth_ins_code 
_struct_site_gen.auth_comp_id 
_struct_site_gen.auth_asym_id 
_struct_site_gen.auth_seq_id 
_struct_site_gen.label_atom_id 
_struct_site_gen.label_alt_id 
_struct_site_gen.symmetry 
_struct_site_gen.details 
1 AC1 9 DC  A 1 ? DC  A 1  . ? 8_665 ? 
2 AC1 9 DG  A 2 ? DG  A 2  . ? 8_665 ? 
3 AC1 9 DA  A 3 ? DA  A 3  . ? 8_665 ? 
4 AC1 9 DT  A 4 ? DT  A 4  . ? 1_555 ? 
5 AC1 9 DC  A 5 ? DC  A 5  . ? 1_555 ? 
6 AC1 9 DG  A 6 ? DG  A 6  . ? 1_555 ? 
7 AC1 9 HOH C . ? HOH A 16 . ? 1_555 ? 
8 AC1 9 HOH C . ? HOH A 27 . ? 1_555 ? 
9 AC1 9 HOH C . ? HOH A 48 . ? 1_555 ? 
# 
loop_
_pdbx_validate_rmsd_bond.id 
_pdbx_validate_rmsd_bond.PDB_model_num 
_pdbx_validate_rmsd_bond.auth_atom_id_1 
_pdbx_validate_rmsd_bond.auth_asym_id_1 
_pdbx_validate_rmsd_bond.auth_comp_id_1 
_pdbx_validate_rmsd_bond.auth_seq_id_1 
_pdbx_validate_rmsd_bond.PDB_ins_code_1 
_pdbx_validate_rmsd_bond.label_alt_id_1 
_pdbx_validate_rmsd_bond.auth_atom_id_2 
_pdbx_validate_rmsd_bond.auth_asym_id_2 
_pdbx_validate_rmsd_bond.auth_comp_id_2 
_pdbx_validate_rmsd_bond.auth_seq_id_2 
_pdbx_validate_rmsd_bond.PDB_ins_code_2 
_pdbx_validate_rmsd_bond.label_alt_id_2 
_pdbx_validate_rmsd_bond.bond_value 
_pdbx_validate_rmsd_bond.bond_target_value 
_pdbx_validate_rmsd_bond.bond_deviation 
_pdbx_validate_rmsd_bond.bond_standard_deviation 
_pdbx_validate_rmsd_bond.linker_flag 
1 1 P     A DG 2 ? ? "O5'" A DG 2 ? ? 1.656 1.593 0.063  0.010 N 
2 1 "C5'" A DA 3 ? ? "C4'" A DA 3 ? ? 1.555 1.512 0.043  0.007 N 
3 1 C2    A DT 4 ? ? N3    A DT 4 ? ? 1.319 1.373 -0.054 0.008 N 
4 1 C4    A DG 6 ? ? C5    A DG 6 ? ? 1.313 1.379 -0.066 0.007 N 
5 1 C6    A DG 6 ? ? N1    A DG 6 ? ? 1.309 1.391 -0.082 0.007 N 
6 1 N7    A DG 6 ? ? C8    A DG 6 ? ? 1.368 1.305 0.063  0.006 N 
# 
loop_
_pdbx_validate_rmsd_angle.id 
_pdbx_validate_rmsd_angle.PDB_model_num 
_pdbx_validate_rmsd_angle.auth_atom_id_1 
_pdbx_validate_rmsd_angle.auth_asym_id_1 
_pdbx_validate_rmsd_angle.auth_comp_id_1 
_pdbx_validate_rmsd_angle.auth_seq_id_1 
_pdbx_validate_rmsd_angle.PDB_ins_code_1 
_pdbx_validate_rmsd_angle.label_alt_id_1 
_pdbx_validate_rmsd_angle.auth_atom_id_2 
_pdbx_validate_rmsd_angle.auth_asym_id_2 
_pdbx_validate_rmsd_angle.auth_comp_id_2 
_pdbx_validate_rmsd_angle.auth_seq_id_2 
_pdbx_validate_rmsd_angle.PDB_ins_code_2 
_pdbx_validate_rmsd_angle.label_alt_id_2 
_pdbx_validate_rmsd_angle.auth_atom_id_3 
_pdbx_validate_rmsd_angle.auth_asym_id_3 
_pdbx_validate_rmsd_angle.auth_comp_id_3 
_pdbx_validate_rmsd_angle.auth_seq_id_3 
_pdbx_validate_rmsd_angle.PDB_ins_code_3 
_pdbx_validate_rmsd_angle.label_alt_id_3 
_pdbx_validate_rmsd_angle.angle_value 
_pdbx_validate_rmsd_angle.angle_target_value 
_pdbx_validate_rmsd_angle.angle_deviation 
_pdbx_validate_rmsd_angle.angle_standard_deviation 
_pdbx_validate_rmsd_angle.linker_flag 
1  1 "C3'" A DC 1 ? ? "O3'" A DC 1 ? ? P     A DG 2 ? ? 138.61 119.70 18.91 1.20 Y 
2  1 "O5'" A DG 2 ? ? "C5'" A DG 2 ? ? "C4'" A DG 2 ? ? 101.91 109.40 -7.49 0.80 N 
3  1 "C3'" A DG 2 ? ? "C2'" A DG 2 ? ? "C1'" A DG 2 ? ? 94.30  102.40 -8.10 0.80 N 
4  1 "O4'" A DG 2 ? ? "C1'" A DG 2 ? ? N9    A DG 2 ? ? 114.21 108.30 5.91  0.30 N 
5  1 N1    A DG 2 ? ? C2    A DG 2 ? ? N3    A DG 2 ? ? 127.73 123.90 3.83  0.60 N 
6  1 N1    A DG 2 ? ? C2    A DG 2 ? ? N2    A DG 2 ? ? 109.79 116.20 -6.41 0.90 N 
7  1 N1    A DG 2 ? ? C6    A DG 2 ? ? O6    A DG 2 ? ? 115.65 119.90 -4.25 0.60 N 
8  1 "O3'" A DG 2 ? ? P     A DA 3 ? ? OP1   A DA 3 ? ? 117.46 110.50 6.96  1.10 Y 
9  1 OP1   A DA 3 ? ? P     A DA 3 ? ? OP2   A DA 3 ? ? 110.23 119.60 -9.37 1.50 N 
10 1 "O5'" A DA 3 ? ? P     A DA 3 ? ? OP2   A DA 3 ? ? 118.39 110.70 7.69  1.20 N 
11 1 "O5'" A DA 3 ? ? "C5'" A DA 3 ? ? "C4'" A DA 3 ? ? 100.67 109.40 -8.73 0.80 N 
12 1 "O4'" A DA 3 ? ? "C1'" A DA 3 ? ? N9    A DA 3 ? ? 111.86 108.30 3.56  0.30 N 
13 1 C6    A DA 3 ? ? N1    A DA 3 ? ? C2    A DA 3 ? ? 125.50 118.60 6.90  0.60 N 
14 1 N1    A DA 3 ? ? C2    A DA 3 ? ? N3    A DA 3 ? ? 126.11 129.30 -3.19 0.50 N 
15 1 C5    A DA 3 ? ? C6    A DA 3 ? ? N1    A DA 3 ? ? 113.37 117.70 -4.33 0.50 N 
16 1 N1    A DA 3 ? ? C6    A DA 3 ? ? N6    A DA 3 ? ? 123.18 118.60 4.58  0.60 N 
17 1 "C3'" A DA 3 ? ? "O3'" A DA 3 ? ? P     A DT 4 ? ? 127.35 119.70 7.65  1.20 Y 
18 1 "O5'" A DT 4 ? ? "C5'" A DT 4 ? ? "C4'" A DT 4 ? ? 103.57 109.40 -5.83 0.80 N 
19 1 N1    A DT 4 ? ? C2    A DT 4 ? ? N3    A DT 4 ? ? 119.20 114.60 4.60  0.60 N 
20 1 C2    A DT 4 ? ? N3    A DT 4 ? ? C4    A DT 4 ? ? 121.95 127.20 -5.25 0.60 N 
21 1 N3    A DT 4 ? ? C4    A DT 4 ? ? C5    A DT 4 ? ? 119.62 115.20 4.42  0.60 N 
22 1 N1    A DT 4 ? ? C2    A DT 4 ? ? O2    A DT 4 ? ? 116.89 123.10 -6.21 0.80 N 
23 1 "O5'" A DC 5 ? ? "C5'" A DC 5 ? ? "C4'" A DC 5 ? ? 103.44 109.40 -5.96 0.80 N 
24 1 "O4'" A DC 5 ? ? "C1'" A DC 5 ? ? N1    A DC 5 ? ? 118.26 108.30 9.96  0.30 N 
25 1 C2    A DC 5 ? ? N3    A DC 5 ? ? C4    A DC 5 ? ? 123.94 119.90 4.04  0.50 N 
26 1 N3    A DC 5 ? ? C2    A DC 5 ? ? O2    A DC 5 ? ? 127.66 121.90 5.76  0.70 N 
27 1 N3    A DC 5 ? ? C4    A DC 5 ? ? N4    A DC 5 ? ? 125.00 118.00 7.00  0.70 N 
28 1 C5    A DC 5 ? ? C4    A DC 5 ? ? N4    A DC 5 ? ? 114.33 120.20 -5.87 0.70 N 
29 1 "O5'" A DG 6 ? ? P     A DG 6 ? ? OP1   A DG 6 ? ? 99.16  105.70 -6.54 0.90 N 
30 1 "O5'" A DG 6 ? ? P     A DG 6 ? ? OP2   A DG 6 ? ? 122.61 110.70 11.91 1.20 N 
31 1 C4    A DG 6 ? ? C5    A DG 6 ? ? N7    A DG 6 ? ? 114.13 110.80 3.33  0.40 N 
32 1 C5    A DG 6 ? ? N7    A DG 6 ? ? C8    A DG 6 ? ? 99.64  104.30 -4.66 0.50 N 
33 1 N1    A DG 6 ? ? C2    A DG 6 ? ? N2    A DG 6 ? ? 122.15 116.20 5.95  0.90 N 
34 1 N3    A DG 6 ? ? C2    A DG 6 ? ? N2    A DG 6 ? ? 113.78 119.90 -6.12 0.70 N 
35 1 N1    A DG 6 ? ? C6    A DG 6 ? ? O6    A DG 6 ? ? 126.38 119.90 6.48  0.60 N 
36 1 C5    A DG 6 ? ? C6    A DG 6 ? ? O6    A DG 6 ? ? 119.80 128.60 -8.80 0.60 N 
# 
_struct_site_keywords.site_id   1 
_struct_site_keywords.text      INTERCALATION 
# 
loop_
_refine_B_iso.class 
_refine_B_iso.details 
_refine_B_iso.treatment 
_refine_B_iso.pdbx_refine_id 
'ALL ATOMS'  TR isotropic 'X-RAY DIFFRACTION' 
'ALL WATERS' TR isotropic 'X-RAY DIFFRACTION' 
# 
loop_
_refine_occupancy.class 
_refine_occupancy.treatment 
_refine_occupancy.pdbx_refine_id 
'ALL ATOMS'  fix 'X-RAY DIFFRACTION' 
'ALL WATERS' fix 'X-RAY DIFFRACTION' 
# 
loop_
_chem_comp_atom.comp_id 
_chem_comp_atom.atom_id 
_chem_comp_atom.type_symbol 
_chem_comp_atom.pdbx_aromatic_flag 
_chem_comp_atom.pdbx_stereo_config 
_chem_comp_atom.pdbx_ordinal 
DA  OP3    O N N 1   
DA  P      P N N 2   
DA  OP1    O N N 3   
DA  OP2    O N N 4   
DA  "O5'"  O N N 5   
DA  "C5'"  C N N 6   
DA  "C4'"  C N R 7   
DA  "O4'"  O N N 8   
DA  "C3'"  C N S 9   
DA  "O3'"  O N N 10  
DA  "C2'"  C N N 11  
DA  "C1'"  C N R 12  
DA  N9     N Y N 13  
DA  C8     C Y N 14  
DA  N7     N Y N 15  
DA  C5     C Y N 16  
DA  C6     C Y N 17  
DA  N6     N N N 18  
DA  N1     N Y N 19  
DA  C2     C Y N 20  
DA  N3     N Y N 21  
DA  C4     C Y N 22  
DA  HOP3   H N N 23  
DA  HOP2   H N N 24  
DA  "H5'"  H N N 25  
DA  "H5''" H N N 26  
DA  "H4'"  H N N 27  
DA  "H3'"  H N N 28  
DA  "HO3'" H N N 29  
DA  "H2'"  H N N 30  
DA  "H2''" H N N 31  
DA  "H1'"  H N N 32  
DA  H8     H N N 33  
DA  H61    H N N 34  
DA  H62    H N N 35  
DA  H2     H N N 36  
DC  OP3    O N N 37  
DC  P      P N N 38  
DC  OP1    O N N 39  
DC  OP2    O N N 40  
DC  "O5'"  O N N 41  
DC  "C5'"  C N N 42  
DC  "C4'"  C N R 43  
DC  "O4'"  O N N 44  
DC  "C3'"  C N S 45  
DC  "O3'"  O N N 46  
DC  "C2'"  C N N 47  
DC  "C1'"  C N R 48  
DC  N1     N N N 49  
DC  C2     C N N 50  
DC  O2     O N N 51  
DC  N3     N N N 52  
DC  C4     C N N 53  
DC  N4     N N N 54  
DC  C5     C N N 55  
DC  C6     C N N 56  
DC  HOP3   H N N 57  
DC  HOP2   H N N 58  
DC  "H5'"  H N N 59  
DC  "H5''" H N N 60  
DC  "H4'"  H N N 61  
DC  "H3'"  H N N 62  
DC  "HO3'" H N N 63  
DC  "H2'"  H N N 64  
DC  "H2''" H N N 65  
DC  "H1'"  H N N 66  
DC  H41    H N N 67  
DC  H42    H N N 68  
DC  H5     H N N 69  
DC  H6     H N N 70  
DG  OP3    O N N 71  
DG  P      P N N 72  
DG  OP1    O N N 73  
DG  OP2    O N N 74  
DG  "O5'"  O N N 75  
DG  "C5'"  C N N 76  
DG  "C4'"  C N R 77  
DG  "O4'"  O N N 78  
DG  "C3'"  C N S 79  
DG  "O3'"  O N N 80  
DG  "C2'"  C N N 81  
DG  "C1'"  C N R 82  
DG  N9     N Y N 83  
DG  C8     C Y N 84  
DG  N7     N Y N 85  
DG  C5     C Y N 86  
DG  C6     C N N 87  
DG  O6     O N N 88  
DG  N1     N N N 89  
DG  C2     C N N 90  
DG  N2     N N N 91  
DG  N3     N N N 92  
DG  C4     C Y N 93  
DG  HOP3   H N N 94  
DG  HOP2   H N N 95  
DG  "H5'"  H N N 96  
DG  "H5''" H N N 97  
DG  "H4'"  H N N 98  
DG  "H3'"  H N N 99  
DG  "HO3'" H N N 100 
DG  "H2'"  H N N 101 
DG  "H2''" H N N 102 
DG  "H1'"  H N N 103 
DG  H8     H N N 104 
DG  H1     H N N 105 
DG  H21    H N N 106 
DG  H22    H N N 107 
DM4 C1     C Y N 108 
DM4 C2     C Y N 109 
DM4 C3     C Y N 110 
DM4 C4     C Y N 111 
DM4 O4     O N N 112 
DM4 C5     C Y N 113 
DM4 C6     C N N 114 
DM4 O6     O N N 115 
DM4 C7     C Y N 116 
DM4 C8     C Y N 117 
DM4 O8     O N N 118 
DM4 C9     C Y N 119 
DM4 C10    C N S 120 
DM4 O10    O N N 121 
DM4 C11    C N N 122 
DM4 C12    C N S 123 
DM4 O12    O N N 124 
DM4 C13    C N N 125 
DM4 O13    O N N 126 
DM4 C14    C N N 127 
DM4 O14    O N N 128 
DM4 C15    C N N 129 
DM4 C16    C Y N 130 
DM4 C17    C Y N 131 
DM4 C18    C Y N 132 
DM4 C19    C N N 133 
DM4 O19    O N N 134 
DM4 C20    C Y N 135 
DM4 "C1'"  C N R 136 
DM4 "C2'"  C N N 137 
DM4 "C3'"  C N S 138 
DM4 "N3'"  N N N 139 
DM4 "C4'"  C N S 140 
DM4 "O4'"  O N N 141 
DM4 "C5'"  C N S 142 
DM4 "O5'"  O N N 143 
DM4 "C6'"  C N N 144 
DM4 H1     H N N 145 
DM4 H2     H N N 146 
DM4 H3     H N N 147 
DM4 HO4    H N N 148 
DM4 HO8    H N N 149 
DM4 H10    H N N 150 
DM4 H111   H N N 151 
DM4 H112   H N N 152 
DM4 HO12   H N N 153 
DM4 H141   H N N 154 
DM4 H142   H N N 155 
DM4 HO14   H N N 156 
DM4 H151   H N N 157 
DM4 H152   H N N 158 
DM4 H17    H N N 159 
DM4 "H1'"  H N N 160 
DM4 "H2'1" H N N 161 
DM4 "H2'2" H N N 162 
DM4 "H3'"  H N N 163 
DM4 "HN'1" H N N 164 
DM4 "HN'2" H N N 165 
DM4 "H4'"  H N N 166 
DM4 "HO4'" H N N 167 
DM4 "H5'"  H N N 168 
DM4 "H6'1" H N N 169 
DM4 "H6'2" H N N 170 
DM4 "H6'3" H N N 171 
DT  OP3    O N N 172 
DT  P      P N N 173 
DT  OP1    O N N 174 
DT  OP2    O N N 175 
DT  "O5'"  O N N 176 
DT  "C5'"  C N N 177 
DT  "C4'"  C N R 178 
DT  "O4'"  O N N 179 
DT  "C3'"  C N S 180 
DT  "O3'"  O N N 181 
DT  "C2'"  C N N 182 
DT  "C1'"  C N R 183 
DT  N1     N N N 184 
DT  C2     C N N 185 
DT  O2     O N N 186 
DT  N3     N N N 187 
DT  C4     C N N 188 
DT  O4     O N N 189 
DT  C5     C N N 190 
DT  C7     C N N 191 
DT  C6     C N N 192 
DT  HOP3   H N N 193 
DT  HOP2   H N N 194 
DT  "H5'"  H N N 195 
DT  "H5''" H N N 196 
DT  "H4'"  H N N 197 
DT  "H3'"  H N N 198 
DT  "HO3'" H N N 199 
DT  "H2'"  H N N 200 
DT  "H2''" H N N 201 
DT  "H1'"  H N N 202 
DT  H3     H N N 203 
DT  H71    H N N 204 
DT  H72    H N N 205 
DT  H73    H N N 206 
DT  H6     H N N 207 
HOH O      O N N 208 
HOH H1     H N N 209 
HOH H2     H N N 210 
# 
loop_
_chem_comp_bond.comp_id 
_chem_comp_bond.atom_id_1 
_chem_comp_bond.atom_id_2 
_chem_comp_bond.value_order 
_chem_comp_bond.pdbx_aromatic_flag 
_chem_comp_bond.pdbx_stereo_config 
_chem_comp_bond.pdbx_ordinal 
DA  OP3   P      sing N N 1   
DA  OP3   HOP3   sing N N 2   
DA  P     OP1    doub N N 3   
DA  P     OP2    sing N N 4   
DA  P     "O5'"  sing N N 5   
DA  OP2   HOP2   sing N N 6   
DA  "O5'" "C5'"  sing N N 7   
DA  "C5'" "C4'"  sing N N 8   
DA  "C5'" "H5'"  sing N N 9   
DA  "C5'" "H5''" sing N N 10  
DA  "C4'" "O4'"  sing N N 11  
DA  "C4'" "C3'"  sing N N 12  
DA  "C4'" "H4'"  sing N N 13  
DA  "O4'" "C1'"  sing N N 14  
DA  "C3'" "O3'"  sing N N 15  
DA  "C3'" "C2'"  sing N N 16  
DA  "C3'" "H3'"  sing N N 17  
DA  "O3'" "HO3'" sing N N 18  
DA  "C2'" "C1'"  sing N N 19  
DA  "C2'" "H2'"  sing N N 20  
DA  "C2'" "H2''" sing N N 21  
DA  "C1'" N9     sing N N 22  
DA  "C1'" "H1'"  sing N N 23  
DA  N9    C8     sing Y N 24  
DA  N9    C4     sing Y N 25  
DA  C8    N7     doub Y N 26  
DA  C8    H8     sing N N 27  
DA  N7    C5     sing Y N 28  
DA  C5    C6     sing Y N 29  
DA  C5    C4     doub Y N 30  
DA  C6    N6     sing N N 31  
DA  C6    N1     doub Y N 32  
DA  N6    H61    sing N N 33  
DA  N6    H62    sing N N 34  
DA  N1    C2     sing Y N 35  
DA  C2    N3     doub Y N 36  
DA  C2    H2     sing N N 37  
DA  N3    C4     sing Y N 38  
DC  OP3   P      sing N N 39  
DC  OP3   HOP3   sing N N 40  
DC  P     OP1    doub N N 41  
DC  P     OP2    sing N N 42  
DC  P     "O5'"  sing N N 43  
DC  OP2   HOP2   sing N N 44  
DC  "O5'" "C5'"  sing N N 45  
DC  "C5'" "C4'"  sing N N 46  
DC  "C5'" "H5'"  sing N N 47  
DC  "C5'" "H5''" sing N N 48  
DC  "C4'" "O4'"  sing N N 49  
DC  "C4'" "C3'"  sing N N 50  
DC  "C4'" "H4'"  sing N N 51  
DC  "O4'" "C1'"  sing N N 52  
DC  "C3'" "O3'"  sing N N 53  
DC  "C3'" "C2'"  sing N N 54  
DC  "C3'" "H3'"  sing N N 55  
DC  "O3'" "HO3'" sing N N 56  
DC  "C2'" "C1'"  sing N N 57  
DC  "C2'" "H2'"  sing N N 58  
DC  "C2'" "H2''" sing N N 59  
DC  "C1'" N1     sing N N 60  
DC  "C1'" "H1'"  sing N N 61  
DC  N1    C2     sing N N 62  
DC  N1    C6     sing N N 63  
DC  C2    O2     doub N N 64  
DC  C2    N3     sing N N 65  
DC  N3    C4     doub N N 66  
DC  C4    N4     sing N N 67  
DC  C4    C5     sing N N 68  
DC  N4    H41    sing N N 69  
DC  N4    H42    sing N N 70  
DC  C5    C6     doub N N 71  
DC  C5    H5     sing N N 72  
DC  C6    H6     sing N N 73  
DG  OP3   P      sing N N 74  
DG  OP3   HOP3   sing N N 75  
DG  P     OP1    doub N N 76  
DG  P     OP2    sing N N 77  
DG  P     "O5'"  sing N N 78  
DG  OP2   HOP2   sing N N 79  
DG  "O5'" "C5'"  sing N N 80  
DG  "C5'" "C4'"  sing N N 81  
DG  "C5'" "H5'"  sing N N 82  
DG  "C5'" "H5''" sing N N 83  
DG  "C4'" "O4'"  sing N N 84  
DG  "C4'" "C3'"  sing N N 85  
DG  "C4'" "H4'"  sing N N 86  
DG  "O4'" "C1'"  sing N N 87  
DG  "C3'" "O3'"  sing N N 88  
DG  "C3'" "C2'"  sing N N 89  
DG  "C3'" "H3'"  sing N N 90  
DG  "O3'" "HO3'" sing N N 91  
DG  "C2'" "C1'"  sing N N 92  
DG  "C2'" "H2'"  sing N N 93  
DG  "C2'" "H2''" sing N N 94  
DG  "C1'" N9     sing N N 95  
DG  "C1'" "H1'"  sing N N 96  
DG  N9    C8     sing Y N 97  
DG  N9    C4     sing Y N 98  
DG  C8    N7     doub Y N 99  
DG  C8    H8     sing N N 100 
DG  N7    C5     sing Y N 101 
DG  C5    C6     sing N N 102 
DG  C5    C4     doub Y N 103 
DG  C6    O6     doub N N 104 
DG  C6    N1     sing N N 105 
DG  N1    C2     sing N N 106 
DG  N1    H1     sing N N 107 
DG  C2    N2     sing N N 108 
DG  C2    N3     doub N N 109 
DG  N2    H21    sing N N 110 
DG  N2    H22    sing N N 111 
DG  N3    C4     sing N N 112 
DM4 C1    C2     doub Y N 113 
DM4 C1    C20    sing Y N 114 
DM4 C1    H1     sing N N 115 
DM4 C2    C3     sing Y N 116 
DM4 C2    H2     sing N N 117 
DM4 C3    C4     doub Y N 118 
DM4 C3    H3     sing N N 119 
DM4 C4    O4     sing N N 120 
DM4 C4    C5     sing Y N 121 
DM4 O4    HO4    sing N N 122 
DM4 C5    C6     sing N N 123 
DM4 C5    C20    doub Y N 124 
DM4 C6    O6     doub N N 125 
DM4 C6    C7     sing N N 126 
DM4 C7    C8     doub Y N 127 
DM4 C7    C18    sing Y N 128 
DM4 C8    O8     sing N N 129 
DM4 C8    C9     sing Y N 130 
DM4 O8    HO8    sing N N 131 
DM4 C9    C10    sing N N 132 
DM4 C9    C16    doub Y N 133 
DM4 C10   O10    sing N N 134 
DM4 C10   C11    sing N N 135 
DM4 C10   H10    sing N N 136 
DM4 O10   "C1'"  sing N N 137 
DM4 C11   C12    sing N N 138 
DM4 C11   H111   sing N N 139 
DM4 C11   H112   sing N N 140 
DM4 C12   O12    sing N N 141 
DM4 C12   C13    sing N N 142 
DM4 C12   C15    sing N N 143 
DM4 O12   HO12   sing N N 144 
DM4 C13   O13    doub N N 145 
DM4 C13   C14    sing N N 146 
DM4 C14   O14    sing N N 147 
DM4 C14   H141   sing N N 148 
DM4 C14   H142   sing N N 149 
DM4 O14   HO14   sing N N 150 
DM4 C15   C16    sing N N 151 
DM4 C15   H151   sing N N 152 
DM4 C15   H152   sing N N 153 
DM4 C16   C17    sing Y N 154 
DM4 C17   C18    doub Y N 155 
DM4 C17   H17    sing N N 156 
DM4 C18   C19    sing N N 157 
DM4 C19   O19    doub N N 158 
DM4 C19   C20    sing N N 159 
DM4 "C1'" "C2'"  sing N N 160 
DM4 "C1'" "O5'"  sing N N 161 
DM4 "C1'" "H1'"  sing N N 162 
DM4 "C2'" "C3'"  sing N N 163 
DM4 "C2'" "H2'1" sing N N 164 
DM4 "C2'" "H2'2" sing N N 165 
DM4 "C3'" "N3'"  sing N N 166 
DM4 "C3'" "C4'"  sing N N 167 
DM4 "C3'" "H3'"  sing N N 168 
DM4 "N3'" "HN'1" sing N N 169 
DM4 "N3'" "HN'2" sing N N 170 
DM4 "C4'" "O4'"  sing N N 171 
DM4 "C4'" "C5'"  sing N N 172 
DM4 "C4'" "H4'"  sing N N 173 
DM4 "O4'" "HO4'" sing N N 174 
DM4 "C5'" "O5'"  sing N N 175 
DM4 "C5'" "C6'"  sing N N 176 
DM4 "C5'" "H5'"  sing N N 177 
DM4 "C6'" "H6'1" sing N N 178 
DM4 "C6'" "H6'2" sing N N 179 
DM4 "C6'" "H6'3" sing N N 180 
DT  OP3   P      sing N N 181 
DT  OP3   HOP3   sing N N 182 
DT  P     OP1    doub N N 183 
DT  P     OP2    sing N N 184 
DT  P     "O5'"  sing N N 185 
DT  OP2   HOP2   sing N N 186 
DT  "O5'" "C5'"  sing N N 187 
DT  "C5'" "C4'"  sing N N 188 
DT  "C5'" "H5'"  sing N N 189 
DT  "C5'" "H5''" sing N N 190 
DT  "C4'" "O4'"  sing N N 191 
DT  "C4'" "C3'"  sing N N 192 
DT  "C4'" "H4'"  sing N N 193 
DT  "O4'" "C1'"  sing N N 194 
DT  "C3'" "O3'"  sing N N 195 
DT  "C3'" "C2'"  sing N N 196 
DT  "C3'" "H3'"  sing N N 197 
DT  "O3'" "HO3'" sing N N 198 
DT  "C2'" "C1'"  sing N N 199 
DT  "C2'" "H2'"  sing N N 200 
DT  "C2'" "H2''" sing N N 201 
DT  "C1'" N1     sing N N 202 
DT  "C1'" "H1'"  sing N N 203 
DT  N1    C2     sing N N 204 
DT  N1    C6     sing N N 205 
DT  C2    O2     doub N N 206 
DT  C2    N3     sing N N 207 
DT  N3    C4     sing N N 208 
DT  N3    H3     sing N N 209 
DT  C4    O4     doub N N 210 
DT  C4    C5     sing N N 211 
DT  C5    C7     sing N N 212 
DT  C5    C6     doub N N 213 
DT  C7    H71    sing N N 214 
DT  C7    H72    sing N N 215 
DT  C7    H73    sing N N 216 
DT  C6    H6     sing N N 217 
HOH O     H1     sing N N 218 
HOH O     H2     sing N N 219 
# 
_ndb_struct_conf_na.entry_id   1D37 
_ndb_struct_conf_na.feature    'b-form double helix' 
# 
loop_
_ndb_struct_na_base_pair.model_number 
_ndb_struct_na_base_pair.i_label_asym_id 
_ndb_struct_na_base_pair.i_label_comp_id 
_ndb_struct_na_base_pair.i_label_seq_id 
_ndb_struct_na_base_pair.i_symmetry 
_ndb_struct_na_base_pair.j_label_asym_id 
_ndb_struct_na_base_pair.j_label_comp_id 
_ndb_struct_na_base_pair.j_label_seq_id 
_ndb_struct_na_base_pair.j_symmetry 
_ndb_struct_na_base_pair.shear 
_ndb_struct_na_base_pair.stretch 
_ndb_struct_na_base_pair.stagger 
_ndb_struct_na_base_pair.buckle 
_ndb_struct_na_base_pair.propeller 
_ndb_struct_na_base_pair.opening 
_ndb_struct_na_base_pair.pair_number 
_ndb_struct_na_base_pair.pair_name 
_ndb_struct_na_base_pair.i_auth_asym_id 
_ndb_struct_na_base_pair.i_auth_seq_id 
_ndb_struct_na_base_pair.i_PDB_ins_code 
_ndb_struct_na_base_pair.j_auth_asym_id 
_ndb_struct_na_base_pair.j_auth_seq_id 
_ndb_struct_na_base_pair.j_PDB_ins_code 
_ndb_struct_na_base_pair.hbond_type_28 
_ndb_struct_na_base_pair.hbond_type_12 
1 A DC 1 1_555 A DG 6 8_665 0.239  -0.302 -0.116 5.120   3.022  -1.632 1 A_DC1:DG6_A A 1 ? A 6 ? 19 1 
1 A DG 2 1_555 A DC 5 8_665 -0.258 -0.287 -0.381 -15.724 -0.507 -1.809 2 A_DG2:DC5_A A 2 ? A 5 ? 19 1 
1 A DA 3 1_555 A DT 4 8_665 0.014  -0.205 -0.082 -8.948  -5.250 -0.891 3 A_DA3:DT4_A A 3 ? A 4 ? 20 1 
1 A DT 4 1_555 A DA 3 8_665 -0.014 -0.205 -0.082 8.948   -5.250 -0.891 4 A_DT4:DA3_A A 4 ? A 3 ? 20 1 
1 A DC 5 1_555 A DG 2 8_665 0.258  -0.287 -0.381 15.724  -0.507 -1.809 5 A_DC5:DG2_A A 5 ? A 2 ? 19 1 
1 A DG 6 1_555 A DC 1 8_665 -0.239 -0.302 -0.116 -5.120  3.022  -1.632 6 A_DG6:DC1_A A 6 ? A 1 ? 19 1 
# 
loop_
_ndb_struct_na_base_pair_step.model_number 
_ndb_struct_na_base_pair_step.i_label_asym_id_1 
_ndb_struct_na_base_pair_step.i_label_comp_id_1 
_ndb_struct_na_base_pair_step.i_label_seq_id_1 
_ndb_struct_na_base_pair_step.i_symmetry_1 
_ndb_struct_na_base_pair_step.j_label_asym_id_1 
_ndb_struct_na_base_pair_step.j_label_comp_id_1 
_ndb_struct_na_base_pair_step.j_label_seq_id_1 
_ndb_struct_na_base_pair_step.j_symmetry_1 
_ndb_struct_na_base_pair_step.i_label_asym_id_2 
_ndb_struct_na_base_pair_step.i_label_comp_id_2 
_ndb_struct_na_base_pair_step.i_label_seq_id_2 
_ndb_struct_na_base_pair_step.i_symmetry_2 
_ndb_struct_na_base_pair_step.j_label_asym_id_2 
_ndb_struct_na_base_pair_step.j_label_comp_id_2 
_ndb_struct_na_base_pair_step.j_label_seq_id_2 
_ndb_struct_na_base_pair_step.j_symmetry_2 
_ndb_struct_na_base_pair_step.shift 
_ndb_struct_na_base_pair_step.slide 
_ndb_struct_na_base_pair_step.rise 
_ndb_struct_na_base_pair_step.tilt 
_ndb_struct_na_base_pair_step.roll 
_ndb_struct_na_base_pair_step.twist 
_ndb_struct_na_base_pair_step.x_displacement 
_ndb_struct_na_base_pair_step.y_displacement 
_ndb_struct_na_base_pair_step.helical_rise 
_ndb_struct_na_base_pair_step.inclination 
_ndb_struct_na_base_pair_step.tip 
_ndb_struct_na_base_pair_step.helical_twist 
_ndb_struct_na_base_pair_step.step_number 
_ndb_struct_na_base_pair_step.step_name 
_ndb_struct_na_base_pair_step.i_auth_asym_id_1 
_ndb_struct_na_base_pair_step.i_auth_seq_id_1 
_ndb_struct_na_base_pair_step.i_PDB_ins_code_1 
_ndb_struct_na_base_pair_step.j_auth_asym_id_1 
_ndb_struct_na_base_pair_step.j_auth_seq_id_1 
_ndb_struct_na_base_pair_step.j_PDB_ins_code_1 
_ndb_struct_na_base_pair_step.i_auth_asym_id_2 
_ndb_struct_na_base_pair_step.i_auth_seq_id_2 
_ndb_struct_na_base_pair_step.i_PDB_ins_code_2 
_ndb_struct_na_base_pair_step.j_auth_asym_id_2 
_ndb_struct_na_base_pair_step.j_auth_seq_id_2 
_ndb_struct_na_base_pair_step.j_PDB_ins_code_2 
1 A DC 1 1_555 A DG 6 8_665 A DG 2 1_555 A DC 5 8_665 0.898  1.254  6.970 2.300  -0.739 34.452 2.357  -0.753 6.986 -1.246 -3.878 
34.535 1 AA_DC1DG2:DC5DG6_AA A 1 ? A 6 ? A 2 ? A 5 ? 
1 A DG 2 1_555 A DC 5 8_665 A DA 3 1_555 A DT 4 8_665 -1.216 0.523  3.239 -5.400 2.261  31.176 0.530  1.205  3.425 4.161  9.937  
31.708 2 AA_DG2DA3:DT4DC5_AA A 2 ? A 5 ? A 3 ? A 4 ? 
1 A DA 3 1_555 A DT 4 8_665 A DT 4 1_555 A DA 3 8_665 0.000  -0.402 3.033 0.000  -0.183 31.752 -0.704 0.000  3.035 -0.334 0.000  
31.752 3 AA_DA3DT4:DA3DT4_AA A 3 ? A 4 ? A 4 ? A 3 ? 
1 A DT 4 1_555 A DA 3 8_665 A DC 5 1_555 A DG 2 8_665 1.216  0.523  3.239 5.400  2.261  31.176 0.530  -1.205 3.425 4.161  -9.937 
31.708 4 AA_DT4DC5:DG2DA3_AA A 4 ? A 3 ? A 5 ? A 2 ? 
1 A DC 5 1_555 A DG 2 8_665 A DG 6 1_555 A DC 1 8_665 -0.898 1.254  6.970 -2.300 -0.739 34.452 2.357  0.753  6.986 -1.246 3.878  
34.535 5 AA_DC5DG6:DC1DG2_AA A 5 ? A 2 ? A 6 ? A 1 ? 
# 
_atom_sites.entry_id                    1D37 
_atom_sites.fract_transf_matrix[1][1]   -0.01665079 
_atom_sites.fract_transf_matrix[1][2]   0.01964154 
_atom_sites.fract_transf_matrix[1][3]   -0.02441756 
_atom_sites.fract_transf_matrix[2][1]   0.00219732 
_atom_sites.fract_transf_matrix[2][2]   0.02831417 
_atom_sites.fract_transf_matrix[2][3]   0.02127759 
_atom_sites.fract_transf_matrix[3][1]   0.01657691 
_atom_sites.fract_transf_matrix[3][2]   0.00449262 
_atom_sites.fract_transf_matrix[3][3]   -0.00769023 
_atom_sites.fract_transf_vector[1]      0.574937 
_atom_sites.fract_transf_vector[2]      0.537192 
_atom_sites.fract_transf_vector[3]      0.203732 
# 
loop_
_atom_type.symbol 
C 
N 
O 
P 
# 
loop_
_atom_site.group_PDB 
_atom_site.id 
_atom_site.type_symbol 
_atom_site.label_atom_id 
_atom_site.label_alt_id 
_atom_site.label_comp_id 
_atom_site.label_asym_id 
_atom_site.label_entity_id 
_atom_site.label_seq_id 
_atom_site.pdbx_PDB_ins_code 
_atom_site.Cartn_x 
_atom_site.Cartn_y 
_atom_site.Cartn_z 
_atom_site.occupancy 
_atom_site.B_iso_or_equiv 
_atom_site.pdbx_formal_charge 
_atom_site.auth_seq_id 
_atom_site.auth_comp_id 
_atom_site.auth_asym_id 
_atom_site.auth_atom_id 
_atom_site.pdbx_PDB_model_num 
ATOM   1   O "O5'" . DC  A 1 1 ? 14.748  2.948   2.648  1.00 20.90 ? 1  DC  A "O5'" 1 
ATOM   2   C "C5'" . DC  A 1 1 ? 14.864  4.400   2.705  1.00 20.59 ? 1  DC  A "C5'" 1 
ATOM   3   C "C4'" . DC  A 1 1 ? 14.516  5.028   1.385  1.00 20.52 ? 1  DC  A "C4'" 1 
ATOM   4   O "O4'" . DC  A 1 1 ? 15.116  4.366   0.263  1.00 20.18 ? 1  DC  A "O4'" 1 
ATOM   5   C "C3'" . DC  A 1 1 ? 12.961  5.027   1.128  1.00 20.44 ? 1  DC  A "C3'" 1 
ATOM   6   O "O3'" . DC  A 1 1 ? 12.527  6.330   0.864  1.00 21.80 ? 1  DC  A "O3'" 1 
ATOM   7   C "C2'" . DC  A 1 1 ? 12.769  4.038   0.006  1.00 19.64 ? 1  DC  A "C2'" 1 
ATOM   8   C "C1'" . DC  A 1 1 ? 14.148  4.075   -0.745 1.00 18.31 ? 1  DC  A "C1'" 1 
ATOM   9   N N1    . DC  A 1 1 ? 14.404  2.757   -1.312 1.00 16.84 ? 1  DC  A N1    1 
ATOM   10  C C2    . DC  A 1 1 ? 13.973  2.545   -2.626 1.00 15.70 ? 1  DC  A C2    1 
ATOM   11  O O2    . DC  A 1 1 ? 13.401  3.512   -3.191 1.00 15.90 ? 1  DC  A O2    1 
ATOM   12  N N3    . DC  A 1 1 ? 14.149  1.337   -3.137 1.00 14.79 ? 1  DC  A N3    1 
ATOM   13  C C4    . DC  A 1 1 ? 14.708  0.333   -2.451 1.00 14.64 ? 1  DC  A C4    1 
ATOM   14  N N4    . DC  A 1 1 ? 14.877  -0.892  -3.010 1.00 14.38 ? 1  DC  A N4    1 
ATOM   15  C C5    . DC  A 1 1 ? 15.135  0.494   -1.112 1.00 15.14 ? 1  DC  A C5    1 
ATOM   16  C C6    . DC  A 1 1 ? 14.981  1.752   -0.594 1.00 15.87 ? 1  DC  A C6    1 
ATOM   17  P P     . DG  A 1 2 ? 11.636  7.447   1.546  1.00 27.78 ? 2  DG  A P     1 
ATOM   18  O OP1   . DG  A 1 2 ? 11.971  8.838   1.065  1.00 26.55 ? 2  DG  A OP1   1 
ATOM   19  O OP2   . DG  A 1 2 ? 11.812  7.282   3.010  1.00 26.18 ? 2  DG  A OP2   1 
ATOM   20  O "O5'" . DG  A 1 2 ? 10.220  6.858   0.920  1.00 23.21 ? 2  DG  A "O5'" 1 
ATOM   21  C "C5'" . DG  A 1 2 ? 9.940   7.240   -0.462 1.00 21.43 ? 2  DG  A "C5'" 1 
ATOM   22  C "C4'" . DG  A 1 2 ? 8.629   6.553   -0.714 1.00 21.44 ? 2  DG  A "C4'" 1 
ATOM   23  O "O4'" . DG  A 1 2 ? 8.824   5.172   -0.827 1.00 20.64 ? 2  DG  A "O4'" 1 
ATOM   24  C "C3'" . DG  A 1 2 ? 7.605   6.685   0.447  1.00 21.09 ? 2  DG  A "C3'" 1 
ATOM   25  O "O3'" . DG  A 1 2 ? 6.328   6.698   -0.167 1.00 22.99 ? 2  DG  A "O3'" 1 
ATOM   26  C "C2'" . DG  A 1 2 ? 7.859   5.435   1.266  1.00 20.44 ? 2  DG  A "C2'" 1 
ATOM   27  C "C1'" . DG  A 1 2 ? 7.862   4.496   0.047  1.00 19.54 ? 2  DG  A "C1'" 1 
ATOM   28  N N9    . DG  A 1 2 ? 8.207   3.145   0.367  1.00 17.86 ? 2  DG  A N9    1 
ATOM   29  C C8    . DG  A 1 2 ? 8.799   2.678   1.525  1.00 17.74 ? 2  DG  A C8    1 
ATOM   30  N N7    . DG  A 1 2 ? 8.988   1.374   1.521  1.00 17.45 ? 2  DG  A N7    1 
ATOM   31  C C5    . DG  A 1 2 ? 8.454   0.958   0.269  1.00 16.89 ? 2  DG  A C5    1 
ATOM   32  C C6    . DG  A 1 2 ? 8.366   -0.299  -0.329 1.00 16.51 ? 2  DG  A C6    1 
ATOM   33  O O6    . DG  A 1 2 ? 8.724   -1.411  0.080  1.00 16.86 ? 2  DG  A O6    1 
ATOM   34  N N1    . DG  A 1 2 ? 7.835   -0.275  -1.589 1.00 15.85 ? 2  DG  A N1    1 
ATOM   35  C C2    . DG  A 1 2 ? 7.358   0.861   -2.149 1.00 15.37 ? 2  DG  A C2    1 
ATOM   36  N N2    . DG  A 1 2 ? 6.857   0.592   -3.371 1.00 14.69 ? 2  DG  A N2    1 
ATOM   37  N N3    . DG  A 1 2 ? 7.406   2.069   -1.665 1.00 15.92 ? 2  DG  A N3    1 
ATOM   38  C C4    . DG  A 1 2 ? 7.985   2.053   -0.450 1.00 17.04 ? 2  DG  A C4    1 
ATOM   39  P P     . DA  A 1 3 ? 5.258   7.871   0.008  1.00 27.93 ? 3  DA  A P     1 
ATOM   40  O OP1   . DA  A 1 3 ? 5.751   9.263   -0.081 1.00 27.89 ? 3  DA  A OP1   1 
ATOM   41  O OP2   . DA  A 1 3 ? 4.955   7.507   1.469  1.00 30.02 ? 3  DA  A OP2   1 
ATOM   42  O "O5'" . DA  A 1 3 ? 4.141   7.674   -1.047 1.00 22.54 ? 3  DA  A "O5'" 1 
ATOM   43  C "C5'" . DA  A 1 3 ? 4.589   7.786   -2.459 1.00 21.25 ? 3  DA  A "C5'" 1 
ATOM   44  C "C4'" . DA  A 1 3 ? 3.761   6.645   -3.116 1.00 20.57 ? 3  DA  A "C4'" 1 
ATOM   45  O "O4'" . DA  A 1 3 ? 4.344   5.363   -2.881 1.00 19.41 ? 3  DA  A "O4'" 1 
ATOM   46  C "C3'" . DA  A 1 3 ? 2.306   6.597   -2.640 1.00 20.18 ? 3  DA  A "C3'" 1 
ATOM   47  O "O3'" . DA  A 1 3 ? 1.385   6.584   -3.763 1.00 21.34 ? 3  DA  A "O3'" 1 
ATOM   48  C "C2'" . DA  A 1 3 ? 2.169   5.315   -1.850 1.00 19.93 ? 3  DA  A "C2'" 1 
ATOM   49  C "C1'" . DA  A 1 3 ? 3.303   4.468   -2.437 1.00 18.55 ? 3  DA  A "C1'" 1 
ATOM   50  N N9    . DA  A 1 3 ? 3.790   3.525   -1.406 1.00 17.05 ? 3  DA  A N9    1 
ATOM   51  C C8    . DA  A 1 3 ? 4.269   3.767   -0.166 1.00 16.25 ? 3  DA  A C8    1 
ATOM   52  N N7    . DA  A 1 3 ? 4.630   2.704   0.473  1.00 15.74 ? 3  DA  A N7    1 
ATOM   53  C C5    . DA  A 1 3 ? 4.363   1.667   -0.408 1.00 15.79 ? 3  DA  A C5    1 
ATOM   54  C C6    . DA  A 1 3 ? 4.545   0.267   -0.302 1.00 15.20 ? 3  DA  A C6    1 
ATOM   55  N N6    . DA  A 1 3 ? 5.088   -0.301  0.718  1.00 15.71 ? 3  DA  A N6    1 
ATOM   56  N N1    . DA  A 1 3 ? 4.178   -0.392  -1.386 1.00 15.01 ? 3  DA  A N1    1 
ATOM   57  C C2    . DA  A 1 3 ? 3.683   0.154   -2.488 1.00 14.94 ? 3  DA  A C2    1 
ATOM   58  N N3    . DA  A 1 3 ? 3.449   1.472   -2.690 1.00 15.92 ? 3  DA  A N3    1 
ATOM   59  C C4    . DA  A 1 3 ? 3.854   2.147   -1.591 1.00 16.00 ? 3  DA  A C4    1 
ATOM   60  P P     . DT  A 1 4 ? -0.226  6.713   -3.712 1.00 26.02 ? 4  DT  A P     1 
ATOM   61  O OP1   . DT  A 1 4 ? -0.471  7.472   -5.019 1.00 26.09 ? 4  DT  A OP1   1 
ATOM   62  O OP2   . DT  A 1 4 ? -0.623  7.209   -2.433 1.00 25.50 ? 4  DT  A OP2   1 
ATOM   63  O "O5'" . DT  A 1 4 ? -0.534  5.148   -3.913 1.00 22.01 ? 4  DT  A "O5'" 1 
ATOM   64  C "C5'" . DT  A 1 4 ? -0.164  4.550   -5.195 1.00 21.12 ? 4  DT  A "C5'" 1 
ATOM   65  C "C4'" . DT  A 1 4 ? -0.638  3.142   -5.074 1.00 20.80 ? 4  DT  A "C4'" 1 
ATOM   66  O "O4'" . DT  A 1 4 ? 0.071   2.399   -4.097 1.00 20.44 ? 4  DT  A "O4'" 1 
ATOM   67  C "C3'" . DT  A 1 4 ? -2.126  3.018   -4.689 1.00 21.04 ? 4  DT  A "C3'" 1 
ATOM   68  O "O3'" . DT  A 1 4 ? -2.767  2.215   -5.708 1.00 22.07 ? 4  DT  A "O3'" 1 
ATOM   69  C "C2'" . DT  A 1 4 ? -2.105  2.426   -3.298 1.00 20.34 ? 4  DT  A "C2'" 1 
ATOM   70  C "C1'" . DT  A 1 4 ? -0.839  1.604   -3.325 1.00 19.12 ? 4  DT  A "C1'" 1 
ATOM   71  N N1    . DT  A 1 4 ? -0.240  1.433   -2.004 1.00 18.22 ? 4  DT  A N1    1 
ATOM   72  C C2    . DT  A 1 4 ? 0.277   0.192   -1.717 1.00 17.08 ? 4  DT  A C2    1 
ATOM   73  O O2    . DT  A 1 4 ? 0.100   -0.688  -2.549 1.00 17.94 ? 4  DT  A O2    1 
ATOM   74  N N3    . DT  A 1 4 ? 0.808   -0.025  -0.529 1.00 16.41 ? 4  DT  A N3    1 
ATOM   75  C C4    . DT  A 1 4 ? 0.966   0.963   0.372  1.00 16.29 ? 4  DT  A C4    1 
ATOM   76  O O4    . DT  A 1 4 ? 1.475   0.680   1.476  1.00 16.60 ? 4  DT  A O4    1 
ATOM   77  C C5    . DT  A 1 4 ? 0.434   2.270   0.094  1.00 16.71 ? 4  DT  A C5    1 
ATOM   78  C C7    . DT  A 1 4 ? 0.547   3.392   1.059  1.00 16.86 ? 4  DT  A C7    1 
ATOM   79  C C6    . DT  A 1 4 ? -0.143  2.464   -1.101 1.00 17.33 ? 4  DT  A C6    1 
ATOM   80  P P     . DC  A 1 5 ? -4.413  2.313   -5.973 1.00 28.44 ? 5  DC  A P     1 
ATOM   81  O OP1   . DC  A 1 5 ? -4.504  2.003   -7.402 1.00 26.76 ? 5  DC  A OP1   1 
ATOM   82  O OP2   . DC  A 1 5 ? -4.909  3.607   -5.336 1.00 26.01 ? 5  DC  A OP2   1 
ATOM   83  O "O5'" . DC  A 1 5 ? -4.887  1.108   -4.993 1.00 21.88 ? 5  DC  A "O5'" 1 
ATOM   84  C "C5'" . DC  A 1 5 ? -4.661  -0.242  -5.438 1.00 20.99 ? 5  DC  A "C5'" 1 
ATOM   85  C "C4'" . DC  A 1 5 ? -4.938  -1.064  -4.212 1.00 20.58 ? 5  DC  A "C4'" 1 
ATOM   86  O "O4'" . DC  A 1 5 ? -3.902  -0.828  -3.246 1.00 20.46 ? 5  DC  A "O4'" 1 
ATOM   87  C "C3'" . DC  A 1 5 ? -6.235  -0.753  -3.499 1.00 20.49 ? 5  DC  A "C3'" 1 
ATOM   88  O "O3'" . DC  A 1 5 ? -6.922  -2.002  -3.134 1.00 22.05 ? 5  DC  A "O3'" 1 
ATOM   89  C "C2'" . DC  A 1 5 ? -5.813  0.037   -2.270 1.00 19.72 ? 5  DC  A "C2'" 1 
ATOM   90  C "C1'" . DC  A 1 5 ? -4.497  -0.693  -1.993 1.00 18.92 ? 5  DC  A "C1'" 1 
ATOM   91  N N1    . DC  A 1 5 ? -3.724  -0.074  -0.926 1.00 17.57 ? 5  DC  A N1    1 
ATOM   92  C C2    . DC  A 1 5 ? -2.914  -0.919  -0.220 1.00 16.79 ? 5  DC  A C2    1 
ATOM   93  O O2    . DC  A 1 5 ? -2.754  -2.069  -0.703 1.00 16.69 ? 5  DC  A O2    1 
ATOM   94  N N3    . DC  A 1 5 ? -2.357  -0.411  0.885  1.00 16.39 ? 5  DC  A N3    1 
ATOM   95  C C4    . DC  A 1 5 ? -2.464  0.890   1.259  1.00 16.23 ? 5  DC  A C4    1 
ATOM   96  N N4    . DC  A 1 5 ? -1.961  1.404   2.371  1.00 15.90 ? 5  DC  A N4    1 
ATOM   97  C C5    . DC  A 1 5 ? -3.342  1.755   0.561  1.00 16.63 ? 5  DC  A C5    1 
ATOM   98  C C6    . DC  A 1 5 ? -3.965  1.214   -0.500 1.00 17.28 ? 5  DC  A C6    1 
ATOM   99  P P     . DG  A 1 6 ? -8.166  -2.638  -4.002 1.00 24.67 ? 6  DG  A P     1 
ATOM   100 O OP1   . DG  A 1 6 ? -7.676  -2.971  -5.406 1.00 26.02 ? 6  DG  A OP1   1 
ATOM   101 O OP2   . DG  A 1 6 ? -9.192  -1.543  -3.794 1.00 23.76 ? 6  DG  A OP2   1 
ATOM   102 O "O5'" . DG  A 1 6 ? -8.360  -4.096  -3.453 1.00 19.48 ? 6  DG  A "O5'" 1 
ATOM   103 C "C5'" . DG  A 1 6 ? -7.241  -4.761  -2.834 1.00 18.56 ? 6  DG  A "C5'" 1 
ATOM   104 C "C4'" . DG  A 1 6 ? -7.730  -6.168  -2.485 1.00 17.41 ? 6  DG  A "C4'" 1 
ATOM   105 O "O4'" . DG  A 1 6 ? -7.739  -6.210  -1.089 1.00 16.78 ? 6  DG  A "O4'" 1 
ATOM   106 C "C3'" . DG  A 1 6 ? -9.173  -6.493  -2.914 1.00 17.33 ? 6  DG  A "C3'" 1 
ATOM   107 O "O3'" . DG  A 1 6 ? -9.318  -7.931  -3.038 1.00 18.38 ? 6  DG  A "O3'" 1 
ATOM   108 C "C2'" . DG  A 1 6 ? -9.987  -5.813  -1.825 1.00 16.24 ? 6  DG  A "C2'" 1 
ATOM   109 C "C1'" . DG  A 1 6 ? -9.125  -6.002  -0.611 1.00 14.69 ? 6  DG  A "C1'" 1 
ATOM   110 N N9    . DG  A 1 6 ? -9.079  -4.783  0.211  1.00 12.85 ? 6  DG  A N9    1 
ATOM   111 C C8    . DG  A 1 6 ? -9.493  -3.517  -0.069 1.00 12.46 ? 6  DG  A C8    1 
ATOM   112 N N7    . DG  A 1 6 ? -9.257  -2.621  0.938  1.00 11.91 ? 6  DG  A N7    1 
ATOM   113 C C5    . DG  A 1 6 ? -8.617  -3.461  1.852  1.00 11.32 ? 6  DG  A C5    1 
ATOM   114 C C6    . DG  A 1 6 ? -8.128  -3.119  3.143  1.00 10.50 ? 6  DG  A C6    1 
ATOM   115 O O6    . DG  A 1 6 ? -8.268  -1.974  3.565  1.00 11.46 ? 6  DG  A O6    1 
ATOM   116 N N1    . DG  A 1 6 ? -7.612  -4.129  3.796  1.00 10.32 ? 6  DG  A N1    1 
ATOM   117 C C2    . DG  A 1 6 ? -7.555  -5.379  3.333  1.00 10.06 ? 6  DG  A C2    1 
ATOM   118 N N2    . DG  A 1 6 ? -7.038  -6.348  4.024  1.00 10.66 ? 6  DG  A N2    1 
ATOM   119 N N3    . DG  A 1 6 ? -8.037  -5.764  2.132  1.00 11.34 ? 6  DG  A N3    1 
ATOM   120 C C4    . DG  A 1 6 ? -8.549  -4.716  1.472  1.00 11.24 ? 6  DG  A C4    1 
HETATM 121 C C1    . DM4 B 2 . ? -4.509  0.653   5.035  1.00 16.52 ? 7  DM4 A C1    1 
HETATM 122 C C2    . DM4 B 2 . ? -5.053  1.948   4.736  1.00 16.09 ? 7  DM4 A C2    1 
HETATM 123 C C3    . DM4 B 2 . ? -5.765  2.193   3.501  1.00 16.62 ? 7  DM4 A C3    1 
HETATM 124 C C4    . DM4 B 2 . ? -5.936  1.111   2.552  1.00 16.23 ? 7  DM4 A C4    1 
HETATM 125 O O4    . DM4 B 2 . ? -6.497  1.249   1.359  1.00 17.07 ? 7  DM4 A O4    1 
HETATM 126 C C5    . DM4 B 2 . ? -5.377  -0.127  2.914  1.00 16.27 ? 7  DM4 A C5    1 
HETATM 127 C C6    . DM4 B 2 . ? -5.507  -1.265  1.970  1.00 15.72 ? 7  DM4 A C6    1 
HETATM 128 O O6    . DM4 B 2 . ? -6.095  -1.263  0.873  1.00 16.55 ? 7  DM4 A O6    1 
HETATM 129 C C7    . DM4 B 2 . ? -4.926  -2.565  2.334  1.00 15.96 ? 7  DM4 A C7    1 
HETATM 130 C C8    . DM4 B 2 . ? -5.062  -3.629  1.484  1.00 16.62 ? 7  DM4 A C8    1 
HETATM 131 O O8    . DM4 B 2 . ? -5.691  -3.526  0.345  1.00 16.80 ? 7  DM4 A O8    1 
HETATM 132 C C9    . DM4 B 2 . ? -4.513  -4.847  1.892  1.00 17.66 ? 7  DM4 A C9    1 
HETATM 133 C C10   . DM4 B 2 . ? -4.688  -6.090  0.933  1.00 19.19 ? 7  DM4 A C10   1 
HETATM 134 O O10   . DM4 B 2 . ? -3.974  -5.546  -0.190 1.00 21.71 ? 7  DM4 A O10   1 
HETATM 135 C C11   . DM4 B 2 . ? -4.189  -7.365  1.393  1.00 19.56 ? 7  DM4 A C11   1 
HETATM 136 C C12   . DM4 B 2 . ? -3.087  -7.375  2.420  1.00 20.17 ? 7  DM4 A C12   1 
HETATM 137 O O12   . DM4 B 2 . ? -1.820  -6.962  1.778  1.00 19.95 ? 7  DM4 A O12   1 
HETATM 138 C C13   . DM4 B 2 . ? -2.880  -8.754  3.012  1.00 20.59 ? 7  DM4 A C13   1 
HETATM 139 O O13   . DM4 B 2 . ? -3.199  -8.888  4.249  1.00 21.96 ? 7  DM4 A O13   1 
HETATM 140 C C14   . DM4 B 2 . ? -1.843  -9.854  2.603  1.00 22.13 ? 7  DM4 A C14   1 
HETATM 141 O O14   . DM4 B 2 . ? -1.703  -11.398 2.626  1.00 25.11 ? 7  DM4 A O14   1 
HETATM 142 C C15   . DM4 B 2 . ? -3.290  -6.277  3.589  1.00 19.01 ? 7  DM4 A C15   1 
HETATM 143 C C16   . DM4 B 2 . ? -3.897  -5.061  3.109  1.00 17.53 ? 7  DM4 A C16   1 
HETATM 144 C C17   . DM4 B 2 . ? -3.795  -3.980  3.922  1.00 16.69 ? 7  DM4 A C17   1 
HETATM 145 C C18   . DM4 B 2 . ? -4.247  -2.709  3.635  1.00 15.88 ? 7  DM4 A C18   1 
HETATM 146 C C19   . DM4 B 2 . ? -4.108  -1.570  4.497  1.00 15.98 ? 7  DM4 A C19   1 
HETATM 147 O O19   . DM4 B 2 . ? -3.578  -1.580  5.621  1.00 17.13 ? 7  DM4 A O19   1 
HETATM 148 C C20   . DM4 B 2 . ? -4.679  -0.326  4.110  1.00 15.80 ? 7  DM4 A C20   1 
HETATM 149 C "C1'" . DM4 B 2 . ? -4.176  -5.847  -1.530 1.00 23.18 ? 7  DM4 A "C1'" 1 
HETATM 150 C "C2'" . DM4 B 2 . ? -3.812  -4.700  -2.441 1.00 23.73 ? 7  DM4 A "C2'" 1 
HETATM 151 C "C3'" . DM4 B 2 . ? -2.310  -4.370  -2.274 1.00 24.79 ? 7  DM4 A "C3'" 1 
HETATM 152 N "N3'" . DM4 B 2 . ? -1.942  -3.307  -3.317 1.00 24.65 ? 7  DM4 A "N3'" 1 
HETATM 153 C "C4'" . DM4 B 2 . ? -1.462  -5.654  -2.509 1.00 24.84 ? 7  DM4 A "C4'" 1 
HETATM 154 O "O4'" . DM4 B 2 . ? -1.763  -5.969  -3.889 1.00 26.13 ? 7  DM4 A "O4'" 1 
HETATM 155 C "C5'" . DM4 B 2 . ? -1.874  -6.753  -1.531 1.00 24.93 ? 7  DM4 A "C5'" 1 
HETATM 156 O "O5'" . DM4 B 2 . ? -3.359  -7.064  -1.805 1.00 24.31 ? 7  DM4 A "O5'" 1 
HETATM 157 C "C6'" . DM4 B 2 . ? -1.190  -8.159  -1.737 1.00 25.11 ? 7  DM4 A "C6'" 1 
HETATM 158 O O     . HOH C 3 . ? 1.611   7.018   1.023  1.00 54.31 ? 8  HOH A O     1 
HETATM 159 O O     . HOH C 3 . ? 5.085   2.334   3.056  1.00 37.54 ? 9  HOH A O     1 
HETATM 160 O O     . HOH C 3 . ? 1.047   7.566   -7.375 1.00 57.22 ? 10 HOH A O     1 
HETATM 161 O O     . HOH C 3 . ? -3.598  5.371   -0.947 1.00 44.78 ? 11 HOH A O     1 
HETATM 162 O O     . HOH C 3 . ? 10.005  -1.173  3.593  1.00 56.17 ? 12 HOH A O     1 
HETATM 163 O O     . HOH C 3 . ? -2.662  4.508   2.737  1.00 40.86 ? 13 HOH A O     1 
HETATM 164 O O     . HOH C 3 . ? 10.013  4.553   4.080  1.00 26.94 ? 14 HOH A O     1 
HETATM 165 O O     . HOH C 3 . ? -3.374  6.081   6.244  1.00 49.08 ? 15 HOH A O     1 
HETATM 166 O O     . HOH C 3 . ? -5.718  -9.037  -0.670 1.00 35.20 ? 16 HOH A O     1 
HETATM 167 O O     . HOH C 3 . ? -4.048  -0.449  11.317 1.00 39.22 ? 17 HOH A O     1 
HETATM 168 O O     . HOH C 3 . ? -7.574  -8.396  1.334  1.00 29.65 ? 18 HOH A O     1 
HETATM 169 O O     . HOH C 3 . ? -9.684  -0.311  0.625  1.00 32.59 ? 19 HOH A O     1 
HETATM 170 O O     . HOH C 3 . ? -4.999  -8.321  6.865  1.00 33.85 ? 20 HOH A O     1 
HETATM 171 O O     . HOH C 3 . ? -6.544  -9.061  3.974  1.00 49.40 ? 21 HOH A O     1 
HETATM 172 O O     . HOH C 3 . ? -12.679 -0.974  1.869  1.00 36.67 ? 22 HOH A O     1 
HETATM 173 O O     . HOH C 3 . ? -8.930  0.309   3.899  1.00 24.05 ? 23 HOH A O     1 
HETATM 174 O O     . HOH C 3 . ? -9.614  -10.678 -1.106 1.00 42.11 ? 24 HOH A O     1 
HETATM 175 O O     . HOH C 3 . ? 2.172   4.366   4.207  1.00 50.82 ? 25 HOH A O     1 
HETATM 176 O O     . HOH C 3 . ? 5.797   11.635  -3.823 1.00 56.79 ? 26 HOH A O     1 
HETATM 177 O O     . HOH C 3 . ? -5.982  4.983   3.297  1.00 71.97 ? 27 HOH A O     1 
HETATM 178 O O     . HOH C 3 . ? -11.810 2.417   0.081  1.00 65.42 ? 28 HOH A O     1 
HETATM 179 O O     . HOH C 3 . ? -6.506  -11.568 2.239  1.00 59.47 ? 29 HOH A O     1 
HETATM 180 O O     . HOH C 3 . ? -12.815 -2.459  -3.271 1.00 64.55 ? 30 HOH A O     1 
HETATM 181 O O     . HOH C 3 . ? -2.207  -2.324  -6.567 1.00 44.83 ? 31 HOH A O     1 
HETATM 182 O O     . HOH C 3 . ? -5.329  3.448   -1.900 1.00 64.46 ? 32 HOH A O     1 
HETATM 183 O O     . HOH C 3 . ? -1.915  4.427   11.155 1.00 64.65 ? 33 HOH A O     1 
HETATM 184 O O     . HOH C 3 . ? -9.350  -13.494 1.797  1.00 54.78 ? 34 HOH A O     1 
HETATM 185 O O     . HOH C 3 . ? 5.894   3.062   5.604  1.00 51.09 ? 35 HOH A O     1 
HETATM 186 O O     . HOH C 3 . ? 2.386   -9.486  9.567  1.00 61.47 ? 36 HOH A O     1 
HETATM 187 O O     . HOH C 3 . ? 8.067   1.288   6.910  1.00 53.51 ? 37 HOH A O     1 
HETATM 188 O O     . HOH C 3 . ? 10.697  -3.983  4.521  1.00 53.28 ? 38 HOH A O     1 
HETATM 189 O O     . HOH C 3 . ? 7.629   10.470  -1.152 1.00 42.32 ? 39 HOH A O     1 
HETATM 190 O O     . HOH C 3 . ? -4.389  -13.445 -1.432 1.00 53.64 ? 40 HOH A O     1 
HETATM 191 O O     . HOH C 3 . ? -15.530 -0.734  0.988  1.00 57.33 ? 41 HOH A O     1 
HETATM 192 O O     . HOH C 3 . ? -9.434  -13.739 4.593  1.00 50.57 ? 42 HOH A O     1 
HETATM 193 O O     . HOH C 3 . ? -0.915  5.647   -0.660 1.00 52.26 ? 43 HOH A O     1 
HETATM 194 O O     . HOH C 3 . ? 8.862   -2.453  6.376  1.00 53.20 ? 44 HOH A O     1 
HETATM 195 O O     . HOH C 3 . ? 6.641   -1.052  3.576  1.00 49.01 ? 45 HOH A O     1 
HETATM 196 O O     . HOH C 3 . ? 4.158   7.106   -7.323 1.00 59.75 ? 46 HOH A O     1 
HETATM 197 O O     . HOH C 3 . ? -6.528  5.211   0.758  1.00 47.92 ? 47 HOH A O     1 
HETATM 198 O O     . HOH C 3 . ? -5.364  -8.567  -3.208 1.00 53.48 ? 48 HOH A O     1 
HETATM 199 O O     . HOH C 3 . ? -2.823  1.532   7.949  1.00 49.86 ? 49 HOH A O     1 
# 
